data_6SW4
#
_entry.id   6SW4
#
_cell.length_a   46.790
_cell.length_b   95.600
_cell.length_c   128.940
_cell.angle_alpha   90.000
_cell.angle_beta   90.000
_cell.angle_gamma   90.000
#
_symmetry.space_group_name_H-M   'P 21 21 21'
#
loop_
_entity.id
_entity.type
_entity.pdbx_description
1 polymer 'Arabinose binding protein'
2 water water
#
_entity_poly.entity_id   1
_entity_poly.type   'polypeptide(L)'
_entity_poly.pdbx_seq_one_letter_code
;MKIRTLIAMYACLLSIFIAYAYYYQQDISRIRSLQDEISSLHGKPDEKYVMVTFQSGMDYWKRCLKGFEDAAESLNVSVE
YRGATQYDVNEQVTVLEQVIARKPAGIAISAINPTALTKTINKAVEEGIPVVLFDSNASGSKAFSFLGTNNYSAGVTAAH
EMAKLLKSEGKVAVITSPHQLNHQERTRGFVETIYQKYPRMQVVAVKNGKGDALASKQAAMEVLNDYPDVQGIFATEANG
GVGMAEAVAELNKKYVKLISFDTEKQTLDLVKEGAIAATLAQGTWNMGYWSLQFLFHLHHHLTSPSRSGDALLPAYVDTG
ITVVTRDNVDHFYAK
;
_entity_poly.pdbx_strand_id   A,B
#
# COMPACT_ATOMS: atom_id res chain seq x y z
N PRO A 45 -19.74 19.02 21.93
CA PRO A 45 -19.45 17.86 21.08
C PRO A 45 -19.13 18.24 19.63
N ASP A 46 -18.09 19.06 19.45
CA ASP A 46 -17.62 19.47 18.13
C ASP A 46 -16.60 18.47 17.59
N GLU A 47 -16.90 17.93 16.41
CA GLU A 47 -16.14 16.85 15.78
C GLU A 47 -14.89 17.42 15.11
N LYS A 48 -13.75 17.34 15.79
CA LYS A 48 -12.49 17.95 15.34
C LYS A 48 -11.43 16.88 15.13
N TYR A 49 -10.73 16.94 13.99
CA TYR A 49 -9.66 16.01 13.65
C TYR A 49 -8.34 16.78 13.59
N VAL A 50 -7.30 16.23 14.20
CA VAL A 50 -6.05 16.98 14.37
C VAL A 50 -4.96 16.31 13.54
N MET A 51 -4.15 17.12 12.87
CA MET A 51 -2.99 16.65 12.14
C MET A 51 -1.74 17.04 12.91
N VAL A 52 -0.86 16.09 13.18
CA VAL A 52 0.29 16.34 14.01
C VAL A 52 1.56 16.08 13.20
N THR A 53 2.48 17.04 13.22
CA THR A 53 3.69 16.93 12.43
C THR A 53 4.91 17.23 13.29
N PHE A 54 6.06 17.28 12.63
CA PHE A 54 7.34 17.65 13.20
C PHE A 54 8.03 18.57 12.19
N GLN A 55 8.77 19.56 12.68
CA GLN A 55 9.18 20.70 11.85
C GLN A 55 7.94 21.28 11.18
N SER A 56 6.98 21.63 12.04
CA SER A 56 5.59 21.84 11.63
C SER A 56 5.42 22.96 10.63
N GLY A 57 6.34 23.92 10.58
CA GLY A 57 6.21 25.06 9.68
C GLY A 57 6.69 24.84 8.26
N MET A 58 7.42 23.74 8.00
CA MET A 58 7.83 23.40 6.65
C MET A 58 6.66 23.48 5.68
N ASP A 59 6.96 23.91 4.44
CA ASP A 59 5.92 24.00 3.42
C ASP A 59 5.34 22.62 3.08
N TYR A 60 6.17 21.57 3.14
CA TYR A 60 5.70 20.23 2.80
C TYR A 60 4.36 19.90 3.46
N TRP A 61 4.24 20.21 4.76
CA TRP A 61 3.04 19.90 5.50
C TRP A 61 1.83 20.69 5.05
N LYS A 62 2.03 21.79 4.33
CA LYS A 62 0.90 22.67 4.02
C LYS A 62 -0.09 21.99 3.09
N ARG A 63 0.40 21.25 2.09
CA ARG A 63 -0.53 20.56 1.21
C ARG A 63 -1.16 19.34 1.88
N CYS A 64 -0.45 18.73 2.84
CA CYS A 64 -1.07 17.72 3.70
C CYS A 64 -2.25 18.31 4.45
N LEU A 65 -2.03 19.46 5.10
CA LEU A 65 -3.12 20.15 5.78
C LEU A 65 -4.18 20.58 4.79
N LYS A 66 -3.79 21.01 3.59
CA LYS A 66 -4.78 21.36 2.57
C LYS A 66 -5.69 20.17 2.23
N GLY A 67 -5.12 18.97 2.08
CA GLY A 67 -5.97 17.85 1.72
C GLY A 67 -6.84 17.42 2.89
N PHE A 68 -6.31 17.57 4.10
CA PHE A 68 -7.09 17.42 5.34
C PHE A 68 -8.27 18.38 5.36
N GLU A 69 -8.01 19.68 5.14
CA GLU A 69 -9.08 20.68 5.17
C GLU A 69 -10.09 20.45 4.06
N ASP A 70 -9.64 20.07 2.87
CA ASP A 70 -10.55 19.76 1.78
C ASP A 70 -11.47 18.60 2.12
N ALA A 71 -10.94 17.56 2.78
CA ALA A 71 -11.78 16.47 3.24
C ALA A 71 -12.75 16.95 4.31
N ALA A 72 -12.28 17.80 5.23
CA ALA A 72 -13.13 18.30 6.31
C ALA A 72 -14.25 19.18 5.77
N GLU A 73 -13.98 19.96 4.73
CA GLU A 73 -14.99 20.83 4.15
C GLU A 73 -16.04 20.05 3.39
N SER A 74 -15.68 18.85 2.93
CA SER A 74 -16.66 17.95 2.35
C SER A 74 -17.35 17.12 3.42
N LEU A 75 -16.69 16.90 4.55
CA LEU A 75 -17.32 16.14 5.63
C LEU A 75 -18.02 17.03 6.64
N ASN A 76 -17.85 18.34 6.54
CA ASN A 76 -18.42 19.26 7.51
C ASN A 76 -17.94 18.91 8.92
N VAL A 77 -16.62 18.66 9.05
CA VAL A 77 -16.03 18.51 10.37
C VAL A 77 -14.91 19.54 10.48
N SER A 78 -14.47 19.75 11.72
CA SER A 78 -13.39 20.65 12.06
C SER A 78 -12.05 19.94 11.85
N VAL A 79 -10.99 20.73 11.58
CA VAL A 79 -9.64 20.20 11.65
C VAL A 79 -8.74 21.20 12.35
N GLU A 80 -7.62 20.71 12.87
CA GLU A 80 -6.61 21.54 13.50
C GLU A 80 -5.22 20.98 13.19
N TYR A 81 -4.24 21.88 13.08
CA TYR A 81 -2.88 21.55 12.70
C TYR A 81 -1.96 21.82 13.88
N ARG A 82 -1.24 20.80 14.34
CA ARG A 82 -0.28 20.97 15.42
C ARG A 82 0.98 20.18 15.11
N GLY A 83 2.03 20.41 15.88
CA GLY A 83 3.23 19.65 15.65
C GLY A 83 4.44 20.26 16.30
N ALA A 84 5.49 19.45 16.40
CA ALA A 84 6.75 19.97 16.90
C ALA A 84 7.28 21.01 15.92
N THR A 85 7.48 22.24 16.40
CA THR A 85 7.99 23.29 15.51
C THR A 85 9.37 22.97 14.97
N GLN A 86 10.00 21.88 15.44
CA GLN A 86 11.37 21.54 15.08
C GLN A 86 11.53 20.03 14.96
N TYR A 87 12.65 19.63 14.39
CA TYR A 87 12.99 18.22 14.34
C TYR A 87 13.43 17.77 15.73
N ASP A 88 12.49 17.74 16.68
CA ASP A 88 12.78 17.38 18.06
C ASP A 88 11.79 16.30 18.52
N VAL A 89 12.31 15.09 18.72
CA VAL A 89 11.47 13.96 19.11
C VAL A 89 10.69 14.28 20.39
N ASN A 90 11.38 14.78 21.40
CA ASN A 90 10.73 15.13 22.65
C ASN A 90 9.59 16.12 22.41
N GLU A 91 9.81 17.11 21.55
CA GLU A 91 8.77 18.10 21.31
C GLU A 91 7.54 17.45 20.67
N GLN A 92 7.75 16.49 19.77
CA GLN A 92 6.58 15.89 19.13
C GLN A 92 5.80 15.01 20.10
N VAL A 93 6.50 14.27 20.97
CA VAL A 93 5.74 13.46 21.92
C VAL A 93 4.96 14.36 22.85
N THR A 94 5.49 15.55 23.17
CA THR A 94 4.77 16.49 24.04
C THR A 94 3.59 17.11 23.32
N VAL A 95 3.78 17.50 22.06
CA VAL A 95 2.67 18.06 21.30
C VAL A 95 1.58 17.02 21.11
N LEU A 96 1.97 15.77 20.82
CA LEU A 96 0.96 14.73 20.64
C LEU A 96 0.20 14.45 21.93
N GLU A 97 0.87 14.51 23.07
CA GLU A 97 0.19 14.31 24.35
C GLU A 97 -0.89 15.35 24.57
N GLN A 98 -0.57 16.63 24.31
CA GLN A 98 -1.57 17.69 24.48
C GLN A 98 -2.75 17.50 23.54
N VAL A 99 -2.51 16.97 22.34
CA VAL A 99 -3.61 16.76 21.40
C VAL A 99 -4.57 15.71 21.92
N ILE A 100 -4.04 14.55 22.35
CA ILE A 100 -4.86 13.51 22.96
C ILE A 100 -5.65 14.07 24.14
N ALA A 101 -4.96 14.82 25.01
CA ALA A 101 -5.61 15.46 26.15
C ALA A 101 -6.88 16.20 25.75
N ARG A 102 -6.84 16.87 24.59
CA ARG A 102 -8.00 17.60 24.10
C ARG A 102 -9.10 16.68 23.54
N LYS A 103 -8.90 15.38 23.58
CA LYS A 103 -9.94 14.39 23.17
C LYS A 103 -10.50 14.64 21.78
N PRO A 104 -9.67 14.61 20.73
CA PRO A 104 -10.18 14.85 19.36
C PRO A 104 -10.90 13.63 18.81
N ALA A 105 -11.68 13.87 17.74
CA ALA A 105 -12.35 12.77 17.05
C ALA A 105 -11.37 11.81 16.36
N GLY A 106 -10.16 12.25 16.05
CA GLY A 106 -9.16 11.41 15.40
C GLY A 106 -7.91 12.23 15.17
N ILE A 107 -6.80 11.51 15.02
CA ILE A 107 -5.51 12.14 14.79
C ILE A 107 -4.85 11.53 13.57
N ALA A 108 -4.33 12.39 12.69
CA ALA A 108 -3.46 11.96 11.61
C ALA A 108 -2.06 12.46 11.94
N ILE A 109 -1.11 11.54 12.03
CA ILE A 109 0.23 11.88 12.52
C ILE A 109 1.25 11.50 11.47
N SER A 110 2.29 12.32 11.32
CA SER A 110 3.48 11.87 10.64
C SER A 110 4.58 11.76 11.69
N ALA A 111 5.11 10.55 11.89
CA ALA A 111 6.03 10.31 12.99
C ALA A 111 7.46 10.73 12.63
N ILE A 112 8.12 11.46 13.52
CA ILE A 112 9.47 11.94 13.23
C ILE A 112 10.39 10.77 12.88
N ASN A 113 10.27 9.66 13.61
CA ASN A 113 10.98 8.44 13.26
C ASN A 113 10.12 7.25 13.64
N PRO A 114 10.38 6.07 13.07
CA PRO A 114 9.47 4.93 13.25
C PRO A 114 9.19 4.52 14.70
N THR A 115 10.12 4.70 15.62
CA THR A 115 9.92 4.17 16.97
C THR A 115 9.57 5.21 18.01
N ALA A 116 10.21 6.38 17.98
CA ALA A 116 10.23 7.23 19.15
C ALA A 116 8.90 7.93 19.40
N LEU A 117 7.89 7.67 18.60
CA LEU A 117 6.56 8.21 18.85
C LEU A 117 5.54 7.14 19.18
N THR A 118 5.92 5.86 19.08
CA THR A 118 4.95 4.76 19.07
C THR A 118 4.15 4.70 20.37
N LYS A 119 4.82 4.82 21.52
CA LYS A 119 4.11 4.65 22.78
C LYS A 119 3.01 5.69 22.95
N THR A 120 3.25 6.91 22.46
CA THR A 120 2.23 7.96 22.54
C THR A 120 1.08 7.69 21.58
N ILE A 121 1.36 7.14 20.39
CA ILE A 121 0.29 6.77 19.46
C ILE A 121 -0.63 5.74 20.10
N ASN A 122 -0.05 4.67 20.66
CA ASN A 122 -0.85 3.64 21.32
C ASN A 122 -1.68 4.25 22.45
N LYS A 123 -1.07 5.15 23.22
CA LYS A 123 -1.80 5.90 24.23
C LYS A 123 -3.13 6.42 23.66
N ALA A 124 -3.08 7.00 22.45
CA ALA A 124 -4.28 7.55 21.84
C ALA A 124 -5.27 6.47 21.42
N VAL A 125 -4.77 5.36 20.86
CA VAL A 125 -5.64 4.28 20.44
C VAL A 125 -6.31 3.63 21.65
N GLU A 126 -5.55 3.42 22.72
CA GLU A 126 -6.12 2.79 23.91
C GLU A 126 -7.18 3.67 24.57
N GLU A 127 -7.06 5.00 24.41
CA GLU A 127 -8.12 5.91 24.85
C GLU A 127 -9.26 6.01 23.86
N GLY A 128 -9.26 5.18 22.82
CA GLY A 128 -10.35 5.14 21.85
C GLY A 128 -10.28 6.19 20.76
N ILE A 129 -9.13 6.80 20.56
CA ILE A 129 -8.98 7.86 19.52
C ILE A 129 -8.51 7.20 18.26
N PRO A 130 -9.30 7.24 17.16
CA PRO A 130 -8.79 6.79 15.87
C PRO A 130 -7.47 7.48 15.52
N VAL A 131 -6.52 6.72 15.00
CA VAL A 131 -5.20 7.25 14.67
C VAL A 131 -4.78 6.65 13.34
N VAL A 132 -4.36 7.50 12.42
CA VAL A 132 -3.74 7.00 11.20
C VAL A 132 -2.42 7.74 11.03
N LEU A 133 -1.48 7.06 10.38
CA LEU A 133 -0.21 7.69 10.05
C LEU A 133 -0.22 8.06 8.58
N PHE A 134 0.46 9.18 8.28
CA PHE A 134 0.65 9.63 6.92
C PHE A 134 2.07 10.17 6.82
N ASP A 135 2.62 10.12 5.60
CA ASP A 135 3.94 10.64 5.29
C ASP A 135 5.04 9.79 5.89
N SER A 136 5.24 9.86 7.20
CA SER A 136 6.27 9.10 7.88
C SER A 136 5.63 8.12 8.85
N ASN A 137 5.91 6.84 8.64
CA ASN A 137 5.19 5.75 9.30
C ASN A 137 5.79 5.46 10.68
N ALA A 138 5.01 4.73 11.50
CA ALA A 138 5.41 4.11 12.77
C ALA A 138 4.76 2.72 12.76
N SER A 139 5.37 1.82 12.00
CA SER A 139 4.73 0.54 11.71
C SER A 139 4.54 -0.33 12.96
N GLY A 140 5.34 -0.14 14.01
CA GLY A 140 5.15 -0.93 15.22
C GLY A 140 4.02 -0.51 16.13
N SER A 141 3.25 0.51 15.75
CA SER A 141 2.26 1.12 16.64
C SER A 141 0.89 0.53 16.38
N LYS A 142 -0.07 0.98 17.17
CA LYS A 142 -1.46 0.56 17.01
C LYS A 142 -2.21 1.40 15.99
N ALA A 143 -1.52 2.29 15.27
CA ALA A 143 -2.21 3.07 14.25
C ALA A 143 -2.86 2.15 13.23
N PHE A 144 -4.08 2.53 12.83
CA PHE A 144 -4.90 1.66 12.00
C PHE A 144 -4.53 1.70 10.52
N SER A 145 -3.71 2.65 10.09
CA SER A 145 -3.39 2.75 8.68
C SER A 145 -2.16 3.62 8.51
N PHE A 146 -1.48 3.42 7.39
CA PHE A 146 -0.43 4.34 6.93
C PHE A 146 -0.74 4.78 5.51
N LEU A 147 -0.70 6.09 5.26
CA LEU A 147 -1.01 6.62 3.94
C LEU A 147 0.21 7.39 3.49
N GLY A 148 0.90 6.89 2.49
CA GLY A 148 2.15 7.54 2.15
C GLY A 148 2.74 6.97 0.89
N THR A 149 3.89 7.54 0.56
CA THR A 149 4.59 7.17 -0.66
C THR A 149 5.06 5.73 -0.60
N ASN A 150 4.96 5.04 -1.72
CA ASN A 150 5.64 3.76 -1.91
C ASN A 150 7.04 4.13 -2.36
N ASN A 151 7.99 4.05 -1.44
CA ASN A 151 9.29 4.64 -1.71
C ASN A 151 10.03 3.85 -2.77
N TYR A 152 9.86 2.53 -2.79
CA TYR A 152 10.46 1.75 -3.86
C TYR A 152 9.91 2.19 -5.22
N SER A 153 8.59 2.27 -5.34
CA SER A 153 7.99 2.66 -6.62
C SER A 153 8.39 4.07 -7.00
N ALA A 154 8.56 4.94 -6.01
CA ALA A 154 9.07 6.28 -6.30
C ALA A 154 10.43 6.20 -6.98
N GLY A 155 11.31 5.35 -6.45
CA GLY A 155 12.61 5.16 -7.08
C GLY A 155 12.51 4.57 -8.47
N VAL A 156 11.58 3.62 -8.67
CA VAL A 156 11.29 3.10 -10.02
C VAL A 156 10.91 4.23 -10.97
N THR A 157 10.00 5.09 -10.52
CA THR A 157 9.59 6.24 -11.34
C THR A 157 10.76 7.13 -11.68
N ALA A 158 11.64 7.40 -10.71
CA ALA A 158 12.81 8.23 -11.03
C ALA A 158 13.67 7.59 -12.11
N ALA A 159 13.88 6.28 -12.04
CA ALA A 159 14.62 5.59 -13.10
C ALA A 159 13.91 5.73 -14.44
N HIS A 160 12.59 5.49 -14.46
CA HIS A 160 11.88 5.62 -15.73
C HIS A 160 12.02 7.03 -16.27
N GLU A 161 11.90 8.01 -15.38
CA GLU A 161 12.07 9.40 -15.79
C GLU A 161 13.49 9.68 -16.22
N MET A 162 14.47 9.18 -15.47
CA MET A 162 15.86 9.34 -15.87
C MET A 162 16.12 8.70 -17.23
N ALA A 163 15.54 7.53 -17.49
CA ALA A 163 15.73 6.89 -18.79
C ALA A 163 15.10 7.72 -19.92
N LYS A 164 13.90 8.24 -19.67
CA LYS A 164 13.28 9.14 -20.63
CA LYS A 164 13.28 9.13 -20.65
C LYS A 164 14.22 10.29 -21.00
N LEU A 165 14.77 10.96 -19.99
CA LEU A 165 15.65 12.10 -20.21
C LEU A 165 16.95 11.72 -20.91
N LEU A 166 17.41 10.47 -20.78
CA LEU A 166 18.69 10.05 -21.33
C LEU A 166 18.55 9.10 -22.52
N LYS A 167 17.36 8.95 -23.07
CA LYS A 167 17.11 7.99 -24.15
C LYS A 167 17.63 6.61 -23.78
N SER A 168 17.46 6.26 -22.49
CA SER A 168 17.75 4.93 -21.96
C SER A 168 19.23 4.56 -22.14
N GLU A 169 20.11 5.53 -22.01
CA GLU A 169 21.51 5.22 -22.22
C GLU A 169 22.36 6.18 -21.42
N GLY A 170 23.39 5.65 -20.76
CA GLY A 170 24.36 6.48 -20.09
C GLY A 170 24.54 6.09 -18.64
N LYS A 171 25.59 6.66 -18.05
CA LYS A 171 25.94 6.45 -16.66
C LYS A 171 25.11 7.39 -15.79
N VAL A 172 24.59 6.85 -14.70
CA VAL A 172 23.78 7.63 -13.77
C VAL A 172 24.27 7.33 -12.37
N ALA A 173 23.94 8.21 -11.44
CA ALA A 173 24.35 8.07 -10.05
C ALA A 173 23.19 8.44 -9.14
N VAL A 174 23.32 8.08 -7.88
CA VAL A 174 22.31 8.35 -6.86
C VAL A 174 23.02 9.02 -5.69
N ILE A 175 22.41 10.06 -5.15
CA ILE A 175 22.81 10.67 -3.90
C ILE A 175 21.69 10.42 -2.89
N THR A 176 22.01 9.74 -1.79
CA THR A 176 20.97 9.33 -0.88
C THR A 176 21.46 9.49 0.56
N SER A 177 20.52 9.26 1.49
CA SER A 177 20.81 9.15 2.92
C SER A 177 20.67 7.69 3.31
N PRO A 178 21.74 6.93 3.50
CA PRO A 178 21.59 5.55 3.99
C PRO A 178 21.13 5.47 5.44
N HIS A 179 20.84 6.61 6.06
CA HIS A 179 20.27 6.62 7.41
C HIS A 179 18.98 5.80 7.45
N GLN A 180 17.99 6.21 6.65
CA GLN A 180 16.61 5.79 6.85
C GLN A 180 16.18 4.73 5.84
N LEU A 181 15.18 3.96 6.23
CA LEU A 181 14.65 2.93 5.34
C LEU A 181 13.96 3.53 4.12
N ASN A 182 13.23 4.64 4.30
CA ASN A 182 12.45 5.16 3.17
C ASN A 182 13.38 5.63 2.05
N HIS A 183 14.52 6.22 2.39
CA HIS A 183 15.43 6.64 1.33
C HIS A 183 16.15 5.47 0.71
N GLN A 184 16.43 4.42 1.48
CA GLN A 184 17.02 3.24 0.85
C GLN A 184 16.06 2.62 -0.14
N GLU A 185 14.75 2.64 0.16
CA GLU A 185 13.81 2.08 -0.80
C GLU A 185 13.78 2.91 -2.08
N ARG A 186 13.85 4.24 -1.96
CA ARG A 186 13.94 5.08 -3.15
C ARG A 186 15.17 4.70 -3.96
N THR A 187 16.31 4.58 -3.28
CA THR A 187 17.53 4.18 -3.95
C THR A 187 17.39 2.83 -4.61
N ARG A 188 16.87 1.85 -3.87
CA ARG A 188 16.74 0.50 -4.41
C ARG A 188 15.83 0.47 -5.62
N GLY A 189 14.70 1.19 -5.55
CA GLY A 189 13.80 1.22 -6.70
C GLY A 189 14.47 1.80 -7.93
N PHE A 190 15.28 2.84 -7.74
CA PHE A 190 16.01 3.41 -8.87
C PHE A 190 17.01 2.41 -9.40
N VAL A 191 17.89 1.94 -8.52
CA VAL A 191 19.01 1.12 -8.98
C VAL A 191 18.49 -0.17 -9.61
N GLU A 192 17.60 -0.86 -8.91
CA GLU A 192 17.05 -2.10 -9.46
C GLU A 192 16.41 -1.86 -10.83
N THR A 193 15.68 -0.75 -10.98
CA THR A 193 15.05 -0.53 -12.28
C THR A 193 16.10 -0.28 -13.35
N ILE A 194 17.18 0.43 -13.02
CA ILE A 194 18.24 0.57 -14.00
C ILE A 194 18.76 -0.80 -14.41
N TYR A 195 19.05 -1.64 -13.42
CA TYR A 195 19.62 -2.96 -13.67
C TYR A 195 18.73 -3.79 -14.58
N GLN A 196 17.44 -3.84 -14.27
CA GLN A 196 16.49 -4.77 -14.94
C GLN A 196 15.84 -4.24 -16.22
N LYS A 197 15.85 -2.93 -16.47
CA LYS A 197 15.07 -2.43 -17.58
C LYS A 197 15.86 -1.61 -18.57
N TYR A 198 17.05 -1.11 -18.21
CA TYR A 198 17.82 -0.22 -19.06
C TYR A 198 19.26 -0.73 -19.14
N PRO A 199 19.51 -1.76 -19.95
CA PRO A 199 20.86 -2.38 -20.00
C PRO A 199 21.91 -1.49 -20.62
N ARG A 200 21.52 -0.44 -21.33
CA ARG A 200 22.47 0.52 -21.86
C ARG A 200 22.71 1.69 -20.92
N MET A 201 22.14 1.63 -19.71
CA MET A 201 22.48 2.56 -18.66
C MET A 201 23.27 1.83 -17.58
N GLN A 202 24.00 2.60 -16.79
CA GLN A 202 24.82 2.02 -15.75
C GLN A 202 24.77 2.91 -14.51
N VAL A 203 24.57 2.31 -13.35
CA VAL A 203 24.67 3.04 -12.08
C VAL A 203 26.13 3.04 -11.64
N VAL A 204 26.77 4.19 -11.69
CA VAL A 204 28.21 4.23 -11.40
C VAL A 204 28.51 4.65 -9.98
N ALA A 205 27.55 5.20 -9.25
CA ALA A 205 27.79 5.61 -7.87
C ALA A 205 26.47 5.75 -7.14
N VAL A 206 26.47 5.32 -5.88
CA VAL A 206 25.46 5.64 -4.89
C VAL A 206 26.22 6.32 -3.75
N LYS A 207 26.02 7.62 -3.61
CA LYS A 207 26.73 8.46 -2.67
C LYS A 207 25.88 8.77 -1.44
N ASN A 208 26.56 8.97 -0.31
CA ASN A 208 25.89 9.34 0.94
C ASN A 208 25.87 10.86 1.05
N GLY A 209 24.72 11.47 0.76
CA GLY A 209 24.57 12.91 0.89
C GLY A 209 24.26 13.39 2.29
N LYS A 210 24.02 12.47 3.22
CA LYS A 210 23.85 12.75 4.65
C LYS A 210 22.63 13.62 4.93
N GLY A 211 21.68 13.62 4.00
CA GLY A 211 20.46 14.43 4.12
C GLY A 211 20.79 15.89 4.32
N ASP A 212 21.97 16.31 3.86
CA ASP A 212 22.42 17.71 4.01
C ASP A 212 22.81 18.29 2.65
N ALA A 213 22.39 19.53 2.38
CA ALA A 213 22.66 20.19 1.09
C ALA A 213 24.17 20.28 0.84
N LEU A 214 24.97 20.58 1.86
CA LEU A 214 26.40 20.75 1.60
C LEU A 214 27.10 19.41 1.38
N ALA A 215 26.76 18.40 2.18
CA ALA A 215 27.39 17.10 1.96
C ALA A 215 26.94 16.49 0.64
N SER A 216 25.71 16.79 0.22
CA SER A 216 25.22 16.33 -1.08
C SER A 216 25.94 17.04 -2.22
N LYS A 217 26.19 18.35 -2.08
CA LYS A 217 26.97 19.05 -3.09
C LYS A 217 28.36 18.45 -3.21
N GLN A 218 29.01 18.16 -2.08
CA GLN A 218 30.33 17.57 -2.13
C GLN A 218 30.28 16.18 -2.75
N ALA A 219 29.27 15.37 -2.40
CA ALA A 219 29.15 14.06 -3.03
C ALA A 219 28.93 14.19 -4.52
N ALA A 220 28.09 15.13 -4.94
CA ALA A 220 27.84 15.29 -6.36
C ALA A 220 29.12 15.72 -7.08
N MET A 221 29.92 16.58 -6.45
CA MET A 221 31.18 16.99 -7.07
C MET A 221 32.13 15.82 -7.21
N GLU A 222 32.14 14.92 -6.22
CA GLU A 222 32.92 13.70 -6.32
C GLU A 222 32.41 12.81 -7.45
N VAL A 223 31.09 12.68 -7.60
CA VAL A 223 30.56 11.90 -8.71
C VAL A 223 31.03 12.48 -10.04
N LEU A 224 30.91 13.80 -10.20
CA LEU A 224 31.21 14.41 -11.48
C LEU A 224 32.70 14.35 -11.80
N ASN A 225 33.54 14.43 -10.78
CA ASN A 225 34.98 14.33 -11.00
C ASN A 225 35.43 12.88 -11.18
N ASP A 226 34.79 11.93 -10.48
CA ASP A 226 35.17 10.52 -10.65
C ASP A 226 34.68 9.94 -11.98
N TYR A 227 33.47 10.32 -12.41
CA TYR A 227 32.88 9.83 -13.65
C TYR A 227 32.47 11.05 -14.46
N PRO A 228 33.42 11.68 -15.15
CA PRO A 228 33.12 12.94 -15.84
C PRO A 228 32.05 12.80 -16.93
N ASP A 229 31.77 11.59 -17.41
CA ASP A 229 30.75 11.37 -18.43
C ASP A 229 29.42 10.94 -17.83
N VAL A 230 29.23 11.13 -16.52
CA VAL A 230 27.94 10.81 -15.92
C VAL A 230 26.87 11.73 -16.51
N GLN A 231 25.71 11.17 -16.84
CA GLN A 231 24.67 11.90 -17.54
C GLN A 231 23.46 12.23 -16.67
N GLY A 232 23.28 11.54 -15.55
CA GLY A 232 22.11 11.78 -14.72
C GLY A 232 22.45 11.48 -13.28
N ILE A 233 21.87 12.27 -12.37
CA ILE A 233 21.98 12.01 -10.95
C ILE A 233 20.60 12.16 -10.34
N PHE A 234 20.24 11.20 -9.50
CA PHE A 234 18.99 11.18 -8.79
C PHE A 234 19.30 11.39 -7.32
N ALA A 235 18.60 12.33 -6.69
CA ALA A 235 18.73 12.60 -5.25
C ALA A 235 17.44 12.18 -4.57
N THR A 236 17.55 11.32 -3.56
CA THR A 236 16.37 10.79 -2.91
C THR A 236 15.84 11.72 -1.82
N GLU A 237 16.55 12.80 -1.51
CA GLU A 237 16.20 13.74 -0.45
C GLU A 237 16.23 15.16 -1.00
N ALA A 238 15.38 16.04 -0.46
CA ALA A 238 15.31 17.41 -0.99
C ALA A 238 16.67 18.10 -0.94
N ASN A 239 17.32 18.10 0.22
CA ASN A 239 18.60 18.77 0.28
C ASN A 239 19.59 18.19 -0.72
N GLY A 240 19.32 16.99 -1.25
CA GLY A 240 20.21 16.43 -2.25
C GLY A 240 20.12 17.13 -3.60
N GLY A 241 18.90 17.41 -4.06
CA GLY A 241 18.74 18.08 -5.35
C GLY A 241 19.35 19.48 -5.37
N VAL A 242 19.16 20.24 -4.30
CA VAL A 242 19.80 21.54 -4.25
C VAL A 242 21.33 21.36 -4.21
N GLY A 243 21.81 20.46 -3.35
CA GLY A 243 23.23 20.19 -3.31
C GLY A 243 23.82 19.82 -4.66
N MET A 244 23.15 18.93 -5.40
CA MET A 244 23.81 18.56 -6.66
C MET A 244 23.60 19.61 -7.75
N ALA A 245 22.51 20.38 -7.67
CA ALA A 245 22.40 21.55 -8.54
C ALA A 245 23.52 22.55 -8.28
N GLU A 246 23.85 22.77 -7.01
CA GLU A 246 24.97 23.66 -6.67
C GLU A 246 26.31 23.08 -7.14
N ALA A 247 26.48 21.76 -7.05
CA ALA A 247 27.67 21.12 -7.61
C ALA A 247 27.76 21.33 -9.11
N VAL A 248 26.64 21.12 -9.80
CA VAL A 248 26.64 21.15 -11.24
C VAL A 248 26.85 22.57 -11.73
N ALA A 249 26.38 23.55 -10.98
CA ALA A 249 26.65 24.94 -11.32
C ALA A 249 28.12 25.28 -11.07
N GLU A 250 28.69 24.76 -9.98
CA GLU A 250 30.07 25.10 -9.65
C GLU A 250 31.06 24.52 -10.66
N LEU A 251 30.80 23.30 -11.14
CA LEU A 251 31.66 22.66 -12.10
C LEU A 251 31.29 22.95 -13.54
N ASN A 252 30.24 23.73 -13.78
CA ASN A 252 29.66 23.93 -15.11
C ASN A 252 29.51 22.60 -15.86
N LYS A 253 28.89 21.62 -15.20
CA LYS A 253 28.53 20.36 -15.85
C LYS A 253 27.08 20.44 -16.31
N LYS A 254 26.88 21.23 -17.36
CA LYS A 254 25.53 21.59 -17.80
C LYS A 254 24.83 20.46 -18.55
N TYR A 255 25.50 19.36 -18.84
CA TYR A 255 24.88 18.27 -19.59
C TYR A 255 24.30 17.17 -18.69
N VAL A 256 24.36 17.34 -17.38
CA VAL A 256 23.86 16.34 -16.43
C VAL A 256 22.38 16.60 -16.18
N LYS A 257 21.58 15.54 -16.26
CA LYS A 257 20.17 15.63 -15.91
C LYS A 257 20.02 15.31 -14.43
N LEU A 258 19.38 16.22 -13.69
CA LEU A 258 19.16 16.08 -12.26
C LEU A 258 17.69 15.75 -11.99
N ILE A 259 17.44 14.72 -11.20
CA ILE A 259 16.10 14.44 -10.71
C ILE A 259 16.15 14.55 -9.20
N SER A 260 15.22 15.28 -8.62
CA SER A 260 15.26 15.46 -7.19
CA SER A 260 15.26 15.46 -7.19
C SER A 260 13.97 14.94 -6.57
N PHE A 261 13.82 15.19 -5.29
CA PHE A 261 12.68 14.75 -4.51
C PHE A 261 12.04 15.95 -3.82
N ASP A 262 10.71 15.90 -3.74
CA ASP A 262 9.88 16.83 -2.97
C ASP A 262 9.77 18.20 -3.62
N THR A 263 9.05 19.13 -2.99
CA THR A 263 8.67 20.35 -3.71
C THR A 263 9.02 21.60 -2.91
N GLU A 264 10.14 21.58 -2.18
CA GLU A 264 10.58 22.79 -1.51
C GLU A 264 10.73 23.94 -2.49
N LYS A 265 10.49 25.16 -2.01
CA LYS A 265 10.53 26.31 -2.91
C LYS A 265 11.85 26.38 -3.67
N GLN A 266 12.97 26.18 -2.98
CA GLN A 266 14.24 26.32 -3.67
C GLN A 266 14.44 25.20 -4.69
N THR A 267 13.84 24.03 -4.48
CA THR A 267 13.87 22.99 -5.52
C THR A 267 13.03 23.38 -6.73
N LEU A 268 11.83 23.87 -6.50
CA LEU A 268 10.95 24.23 -7.61
C LEU A 268 11.54 25.36 -8.43
N ASP A 269 12.17 26.32 -7.77
CA ASP A 269 12.88 27.37 -8.51
C ASP A 269 13.94 26.79 -9.44
N LEU A 270 14.65 25.74 -8.99
CA LEU A 270 15.64 25.11 -9.85
C LEU A 270 14.97 24.35 -10.99
N VAL A 271 13.81 23.75 -10.76
CA VAL A 271 13.06 23.19 -11.88
C VAL A 271 12.65 24.30 -12.84
N LYS A 272 12.16 25.42 -12.29
CA LYS A 272 11.66 26.49 -13.13
C LYS A 272 12.75 27.02 -14.06
N GLU A 273 13.97 27.14 -13.57
CA GLU A 273 15.07 27.66 -14.35
C GLU A 273 15.89 26.59 -15.06
N GLY A 274 15.42 25.33 -15.08
CA GLY A 274 16.03 24.28 -15.87
C GLY A 274 17.25 23.61 -15.26
N ALA A 275 17.62 23.99 -14.04
CA ALA A 275 18.77 23.36 -13.42
C ALA A 275 18.44 21.93 -12.99
N ILE A 276 17.22 21.70 -12.52
CA ILE A 276 16.73 20.37 -12.18
C ILE A 276 15.69 19.95 -13.22
N ALA A 277 15.87 18.77 -13.84
CA ALA A 277 14.96 18.38 -14.90
C ALA A 277 13.61 17.95 -14.35
N ALA A 278 13.59 17.36 -13.16
CA ALA A 278 12.33 16.91 -12.61
C ALA A 278 12.51 16.73 -11.11
N THR A 279 11.43 16.91 -10.38
CA THR A 279 11.43 16.50 -8.98
C THR A 279 10.19 15.67 -8.75
N LEU A 280 10.27 14.78 -7.76
CA LEU A 280 9.20 13.82 -7.51
C LEU A 280 8.39 14.33 -6.33
N ALA A 281 7.11 14.59 -6.57
CA ALA A 281 6.24 15.19 -5.56
C ALA A 281 5.45 14.10 -4.88
N GLN A 282 5.57 14.03 -3.55
CA GLN A 282 4.80 13.05 -2.80
C GLN A 282 3.34 13.48 -2.81
N GLY A 283 2.43 12.49 -2.70
CA GLY A 283 1.01 12.73 -2.80
C GLY A 283 0.44 13.34 -1.52
N THR A 284 0.92 14.53 -1.15
CA THR A 284 0.58 15.04 0.17
C THR A 284 -0.88 15.43 0.27
N TRP A 285 -1.50 15.85 -0.83
CA TRP A 285 -2.93 16.13 -0.77
C TRP A 285 -3.68 14.85 -0.48
N ASN A 286 -3.34 13.78 -1.22
CA ASN A 286 -3.93 12.47 -0.97
C ASN A 286 -3.75 12.02 0.48
N MET A 287 -2.55 12.24 1.04
CA MET A 287 -2.28 11.89 2.43
C MET A 287 -3.28 12.56 3.38
N GLY A 288 -3.39 13.89 3.29
CA GLY A 288 -4.30 14.58 4.18
C GLY A 288 -5.73 14.17 3.91
N TYR A 289 -6.09 14.08 2.64
CA TYR A 289 -7.47 13.83 2.28
C TYR A 289 -7.92 12.46 2.75
N TRP A 290 -7.22 11.41 2.32
CA TRP A 290 -7.68 10.09 2.73
C TRP A 290 -7.38 9.80 4.20
N SER A 291 -6.42 10.50 4.83
CA SER A 291 -6.27 10.38 6.28
C SER A 291 -7.55 10.80 6.98
N LEU A 292 -8.12 11.95 6.59
CA LEU A 292 -9.35 12.38 7.24
C LEU A 292 -10.50 11.46 6.89
N GLN A 293 -10.60 11.03 5.64
CA GLN A 293 -11.64 10.11 5.22
C GLN A 293 -11.61 8.83 6.05
N PHE A 294 -10.41 8.28 6.25
CA PHE A 294 -10.27 7.11 7.10
C PHE A 294 -10.60 7.42 8.56
N LEU A 295 -10.10 8.54 9.07
CA LEU A 295 -10.36 8.89 10.47
C LEU A 295 -11.85 9.10 10.69
N PHE A 296 -12.48 9.92 9.84
CA PHE A 296 -13.92 10.15 9.94
C PHE A 296 -14.65 8.83 9.94
N HIS A 297 -14.16 7.88 9.14
CA HIS A 297 -14.84 6.61 8.99
C HIS A 297 -14.74 5.75 10.25
N LEU A 298 -13.60 5.76 10.94
CA LEU A 298 -13.47 4.98 12.17
C LEU A 298 -14.30 5.59 13.30
N HIS A 299 -14.34 6.92 13.36
CA HIS A 299 -15.13 7.62 14.38
C HIS A 299 -16.62 7.33 14.26
N HIS A 300 -17.08 6.77 13.16
CA HIS A 300 -18.49 6.42 12.97
C HIS A 300 -18.71 4.93 12.86
N HIS A 301 -17.72 4.12 13.24
CA HIS A 301 -17.76 2.65 13.27
C HIS A 301 -18.56 2.07 12.12
N LEU A 302 -18.37 2.65 10.93
CA LEU A 302 -18.98 2.12 9.72
C LEU A 302 -18.26 0.87 9.21
N THR A 303 -17.13 0.47 9.82
CA THR A 303 -16.35 -0.69 9.38
C THR A 303 -16.20 -1.74 10.49
N SER A 304 -17.13 -1.70 11.45
CA SER A 304 -17.08 -2.65 12.59
C SER A 304 -18.46 -3.23 12.91
N PRO A 305 -19.25 -3.71 11.92
CA PRO A 305 -20.54 -4.35 12.19
C PRO A 305 -20.32 -5.88 12.28
N SER A 306 -21.41 -6.64 12.22
CA SER A 306 -21.31 -8.12 12.31
C SER A 306 -20.88 -8.73 10.97
N ARG A 307 -21.29 -8.12 9.86
CA ARG A 307 -20.95 -8.67 8.52
C ARG A 307 -19.86 -7.81 7.84
N SER A 308 -18.61 -7.97 8.27
CA SER A 308 -17.46 -7.22 7.70
C SER A 308 -16.17 -7.99 8.00
N GLY A 309 -16.26 -9.01 8.86
CA GLY A 309 -15.11 -9.85 9.23
C GLY A 309 -13.96 -9.02 9.79
N ASP A 310 -14.17 -8.40 10.95
CA ASP A 310 -13.14 -7.54 11.60
C ASP A 310 -12.64 -6.55 10.54
N ALA A 311 -11.47 -6.86 9.96
CA ALA A 311 -10.79 -6.14 8.85
C ALA A 311 -10.28 -4.75 9.22
N LEU A 312 -11.19 -3.83 9.58
CA LEU A 312 -10.94 -2.41 9.95
C LEU A 312 -10.43 -1.62 8.74
N LEU A 313 -9.68 -0.55 8.98
CA LEU A 313 -9.18 0.32 7.88
C LEU A 313 -8.17 -0.44 7.01
N PRO A 314 -8.03 -0.10 5.70
CA PRO A 314 -6.99 -0.67 4.85
C PRO A 314 -5.64 -0.33 5.51
N ALA A 315 -4.71 -1.28 5.51
CA ALA A 315 -3.47 -1.09 6.26
C ALA A 315 -2.57 -0.03 5.62
N TYR A 316 -2.69 0.16 4.32
CA TYR A 316 -1.80 1.07 3.60
C TYR A 316 -2.51 1.68 2.39
N VAL A 317 -2.27 2.96 2.16
CA VAL A 317 -2.76 3.66 0.99
C VAL A 317 -1.55 4.28 0.31
N ASP A 318 -1.27 3.86 -0.91
CA ASP A 318 -0.21 4.44 -1.71
C ASP A 318 -0.69 5.79 -2.24
N THR A 319 -0.21 6.88 -1.64
CA THR A 319 -0.71 8.19 -2.00
C THR A 319 -0.11 8.74 -3.29
N GLY A 320 0.86 8.06 -3.87
CA GLY A 320 1.30 8.33 -5.23
C GLY A 320 2.45 9.31 -5.32
N ILE A 321 2.97 9.42 -6.54
CA ILE A 321 4.05 10.35 -6.86
C ILE A 321 3.69 11.09 -8.12
N THR A 322 4.04 12.38 -8.16
CA THR A 322 3.91 13.15 -9.38
C THR A 322 5.27 13.63 -9.81
N VAL A 323 5.58 13.43 -11.10
CA VAL A 323 6.77 14.01 -11.67
C VAL A 323 6.48 15.47 -11.96
N VAL A 324 7.28 16.35 -11.34
CA VAL A 324 7.15 17.79 -11.49
C VAL A 324 8.24 18.24 -12.44
N THR A 325 7.84 18.90 -13.53
CA THR A 325 8.78 19.44 -14.51
C THR A 325 8.42 20.90 -14.75
N ARG A 326 9.09 21.56 -15.70
CA ARG A 326 8.72 22.94 -16.04
C ARG A 326 7.25 23.08 -16.41
N ASP A 327 6.63 22.01 -16.88
CA ASP A 327 5.26 22.07 -17.38
C ASP A 327 4.23 22.23 -16.26
N ASN A 328 4.49 21.64 -15.08
CA ASN A 328 3.54 21.72 -13.99
C ASN A 328 4.14 22.29 -12.71
N VAL A 329 5.38 22.77 -12.75
CA VAL A 329 6.03 23.25 -11.54
C VAL A 329 5.16 24.31 -10.84
N ASP A 330 4.48 25.15 -11.63
CA ASP A 330 3.71 26.24 -11.00
C ASP A 330 2.63 25.70 -10.09
N HIS A 331 2.13 24.50 -10.34
CA HIS A 331 1.07 23.94 -9.51
C HIS A 331 1.55 23.53 -8.12
N PHE A 332 2.86 23.55 -7.83
CA PHE A 332 3.37 22.94 -6.61
C PHE A 332 3.97 23.91 -5.60
N TYR A 333 4.01 25.22 -5.90
CA TYR A 333 4.40 26.20 -4.91
C TYR A 333 3.36 26.28 -3.80
N ALA A 334 3.78 26.68 -2.61
CA ALA A 334 2.84 26.76 -1.47
C ALA A 334 2.27 28.17 -1.32
N ILE B 38 -23.19 16.37 9.87
CA ILE B 38 -23.50 15.46 8.73
C ILE B 38 -22.59 15.81 7.55
N SER B 39 -22.09 14.80 6.85
CA SER B 39 -21.12 14.99 5.74
C SER B 39 -21.90 15.37 4.46
N SER B 40 -21.19 15.98 3.50
CA SER B 40 -21.81 16.37 2.21
C SER B 40 -21.46 15.32 1.15
N LEU B 41 -20.90 14.17 1.58
CA LEU B 41 -20.48 13.13 0.64
C LEU B 41 -21.64 12.20 0.31
N HIS B 42 -22.74 12.75 -0.17
CA HIS B 42 -23.93 11.95 -0.49
C HIS B 42 -24.31 12.15 -1.95
N GLY B 43 -24.80 11.06 -2.51
CA GLY B 43 -25.37 11.15 -3.85
C GLY B 43 -26.82 10.73 -3.77
N LYS B 44 -27.34 10.21 -4.88
CA LYS B 44 -28.75 9.74 -4.91
C LYS B 44 -28.77 8.36 -5.59
N PRO B 45 -29.85 7.57 -5.45
CA PRO B 45 -29.96 6.24 -6.09
C PRO B 45 -29.77 6.15 -7.62
N ASP B 46 -29.98 7.25 -8.36
CA ASP B 46 -29.81 7.26 -9.83
C ASP B 46 -28.35 6.98 -10.21
N GLU B 47 -27.40 7.06 -9.26
CA GLU B 47 -26.02 6.73 -9.62
C GLU B 47 -25.85 5.21 -9.57
N LYS B 48 -25.50 4.61 -10.71
CA LYS B 48 -25.44 3.17 -10.86
C LYS B 48 -23.97 2.74 -10.94
N TYR B 49 -23.47 2.18 -9.83
CA TYR B 49 -22.14 1.55 -9.82
C TYR B 49 -22.27 0.03 -9.83
N VAL B 50 -21.35 -0.63 -10.53
CA VAL B 50 -21.41 -2.07 -10.79
C VAL B 50 -20.14 -2.71 -10.24
N MET B 51 -20.31 -3.82 -9.51
CA MET B 51 -19.19 -4.71 -9.20
C MET B 51 -19.19 -5.85 -10.23
N VAL B 52 -17.99 -6.26 -10.65
CA VAL B 52 -17.83 -7.27 -11.68
C VAL B 52 -16.75 -8.26 -11.22
N THR B 53 -17.12 -9.54 -11.10
CA THR B 53 -16.21 -10.60 -10.65
C THR B 53 -16.05 -11.64 -11.77
N PHE B 54 -15.46 -12.80 -11.42
CA PHE B 54 -15.16 -13.80 -12.44
C PHE B 54 -15.46 -15.23 -12.03
N GLN B 55 -16.28 -15.42 -11.01
CA GLN B 55 -16.74 -16.77 -10.56
C GLN B 55 -17.84 -16.40 -9.59
N SER B 56 -18.87 -15.75 -10.17
CA SER B 56 -19.88 -14.99 -9.45
C SER B 56 -20.25 -15.54 -8.08
N GLY B 57 -20.73 -16.79 -8.02
CA GLY B 57 -21.36 -17.29 -6.81
C GLY B 57 -20.42 -17.63 -5.69
N MET B 58 -19.11 -17.66 -5.96
CA MET B 58 -18.11 -18.01 -4.96
C MET B 58 -18.36 -17.27 -3.66
N ASP B 59 -18.28 -17.98 -2.53
CA ASP B 59 -18.47 -17.34 -1.24
C ASP B 59 -17.47 -16.22 -1.00
N TYR B 60 -16.33 -16.23 -1.71
CA TYR B 60 -15.34 -15.19 -1.57
C TYR B 60 -15.93 -13.82 -1.84
N TRP B 61 -16.62 -13.67 -2.98
CA TRP B 61 -17.07 -12.36 -3.42
C TRP B 61 -18.18 -11.78 -2.57
N LYS B 62 -18.79 -12.56 -1.67
CA LYS B 62 -19.99 -12.06 -1.02
C LYS B 62 -19.66 -10.92 -0.07
N ARG B 63 -18.52 -10.98 0.61
CA ARG B 63 -18.19 -9.87 1.48
C ARG B 63 -17.61 -8.69 0.72
N CYS B 64 -17.06 -8.93 -0.48
CA CYS B 64 -16.82 -7.84 -1.42
C CYS B 64 -18.11 -7.07 -1.67
N LEU B 65 -19.20 -7.79 -1.96
CA LEU B 65 -20.48 -7.15 -2.23
C LEU B 65 -20.97 -6.38 -1.02
N LYS B 66 -20.88 -6.98 0.18
CA LYS B 66 -21.42 -6.33 1.36
C LYS B 66 -20.70 -5.01 1.65
N GLY B 67 -19.38 -4.99 1.43
CA GLY B 67 -18.66 -3.73 1.48
C GLY B 67 -19.18 -2.73 0.46
N PHE B 68 -19.30 -3.18 -0.79
CA PHE B 68 -19.93 -2.38 -1.83
C PHE B 68 -21.28 -1.82 -1.36
N GLU B 69 -22.14 -2.71 -0.85
CA GLU B 69 -23.49 -2.29 -0.46
C GLU B 69 -23.44 -1.36 0.74
N ASP B 70 -22.55 -1.61 1.70
CA ASP B 70 -22.49 -0.74 2.87
C ASP B 70 -22.00 0.66 2.51
N ALA B 71 -21.16 0.74 1.47
CA ALA B 71 -20.71 2.05 0.98
C ALA B 71 -21.82 2.74 0.21
N ALA B 72 -22.51 1.99 -0.66
CA ALA B 72 -23.67 2.54 -1.38
C ALA B 72 -24.66 3.17 -0.41
N GLU B 73 -24.85 2.54 0.73
CA GLU B 73 -25.82 3.03 1.71
C GLU B 73 -25.32 4.28 2.42
N SER B 74 -24.03 4.38 2.66
CA SER B 74 -23.47 5.58 3.27
C SER B 74 -23.42 6.73 2.27
N LEU B 75 -23.32 6.41 0.98
CA LEU B 75 -23.22 7.46 -0.08
C LEU B 75 -24.60 7.77 -0.67
N ASN B 76 -25.63 7.04 -0.24
CA ASN B 76 -27.01 7.18 -0.77
C ASN B 76 -26.99 6.91 -2.27
N VAL B 77 -26.28 5.85 -2.68
CA VAL B 77 -26.18 5.47 -4.11
C VAL B 77 -26.60 4.01 -4.26
N SER B 78 -26.68 3.53 -5.50
CA SER B 78 -27.12 2.17 -5.79
C SER B 78 -25.99 1.36 -6.39
N VAL B 79 -26.00 0.06 -6.13
CA VAL B 79 -24.95 -0.84 -6.57
C VAL B 79 -25.57 -2.10 -7.18
N GLU B 80 -24.88 -2.64 -8.16
CA GLU B 80 -25.31 -3.85 -8.85
C GLU B 80 -24.13 -4.82 -8.95
N TYR B 81 -24.40 -6.11 -8.67
CA TYR B 81 -23.39 -7.16 -8.74
C TYR B 81 -23.53 -7.90 -10.06
N ARG B 82 -22.46 -7.94 -10.84
CA ARG B 82 -22.38 -8.71 -12.08
C ARG B 82 -21.03 -9.43 -12.12
N GLY B 83 -20.82 -10.21 -13.16
CA GLY B 83 -19.57 -10.93 -13.34
C GLY B 83 -19.79 -12.31 -13.93
N ALA B 84 -18.69 -12.93 -14.38
CA ALA B 84 -18.77 -14.19 -15.09
C ALA B 84 -19.33 -15.30 -14.19
N THR B 85 -20.21 -16.12 -14.77
CA THR B 85 -20.71 -17.29 -14.06
C THR B 85 -19.58 -18.26 -13.74
N GLN B 86 -18.76 -18.57 -14.73
CA GLN B 86 -17.72 -19.58 -14.63
C GLN B 86 -16.35 -18.92 -14.68
N TYR B 87 -15.31 -19.73 -14.51
CA TYR B 87 -13.95 -19.31 -14.78
C TYR B 87 -13.78 -19.20 -16.29
N ASP B 88 -14.02 -18.01 -16.84
CA ASP B 88 -14.10 -17.86 -18.29
C ASP B 88 -13.60 -16.47 -18.68
N VAL B 89 -12.62 -16.44 -19.60
CA VAL B 89 -11.96 -15.20 -19.99
C VAL B 89 -12.95 -14.29 -20.71
N ASN B 90 -13.43 -14.72 -21.89
CA ASN B 90 -14.31 -13.83 -22.65
C ASN B 90 -15.67 -13.68 -22.00
N GLU B 91 -16.16 -14.68 -21.27
CA GLU B 91 -17.40 -14.47 -20.55
C GLU B 91 -17.31 -13.24 -19.65
N GLN B 92 -16.23 -13.15 -18.88
CA GLN B 92 -15.97 -11.94 -18.11
C GLN B 92 -15.87 -10.72 -19.03
N VAL B 93 -15.18 -10.87 -20.17
CA VAL B 93 -15.08 -9.76 -21.12
C VAL B 93 -16.48 -9.31 -21.54
N THR B 94 -17.40 -10.25 -21.73
CA THR B 94 -18.73 -9.91 -22.24
C THR B 94 -19.64 -9.30 -21.17
N VAL B 95 -19.60 -9.82 -19.93
CA VAL B 95 -20.39 -9.20 -18.87
C VAL B 95 -19.90 -7.77 -18.63
N LEU B 96 -18.59 -7.54 -18.79
CA LEU B 96 -18.06 -6.19 -18.73
C LEU B 96 -18.66 -5.30 -19.83
N GLU B 97 -18.68 -5.80 -21.07
CA GLU B 97 -19.27 -5.05 -22.16
C GLU B 97 -20.75 -4.74 -21.87
N GLN B 98 -21.46 -5.67 -21.22
CA GLN B 98 -22.85 -5.45 -20.85
C GLN B 98 -22.99 -4.25 -19.91
N VAL B 99 -22.03 -4.04 -19.01
CA VAL B 99 -22.17 -2.96 -18.05
C VAL B 99 -21.55 -1.66 -18.56
N ILE B 100 -20.51 -1.72 -19.41
CA ILE B 100 -19.98 -0.49 -20.00
C ILE B 100 -20.97 0.09 -21.01
N ALA B 101 -21.65 -0.79 -21.77
CA ALA B 101 -22.71 -0.34 -22.66
C ALA B 101 -23.91 0.21 -21.90
N ARG B 102 -24.07 -0.14 -20.62
CA ARG B 102 -25.20 0.33 -19.83
C ARG B 102 -24.84 1.57 -19.02
N LYS B 103 -23.73 2.22 -19.36
CA LYS B 103 -23.31 3.52 -18.83
C LYS B 103 -23.45 3.63 -17.32
N PRO B 104 -22.59 2.95 -16.56
CA PRO B 104 -22.64 3.04 -15.10
C PRO B 104 -21.81 4.21 -14.59
N ALA B 105 -22.19 4.68 -13.41
CA ALA B 105 -21.42 5.75 -12.76
C ALA B 105 -20.01 5.31 -12.40
N GLY B 106 -19.65 4.05 -12.63
CA GLY B 106 -18.34 3.53 -12.30
C GLY B 106 -18.41 2.02 -12.08
N ILE B 107 -17.27 1.36 -12.29
CA ILE B 107 -17.18 -0.09 -12.16
C ILE B 107 -16.03 -0.46 -11.23
N ALA B 108 -16.30 -1.38 -10.30
CA ALA B 108 -15.27 -2.05 -9.53
C ALA B 108 -15.10 -3.45 -10.11
N ILE B 109 -13.87 -3.80 -10.48
CA ILE B 109 -13.59 -5.05 -11.21
C ILE B 109 -12.56 -5.86 -10.45
N SER B 110 -12.78 -7.18 -10.33
CA SER B 110 -11.71 -8.12 -10.03
C SER B 110 -11.38 -8.84 -11.33
N ALA B 111 -10.16 -8.64 -11.81
CA ALA B 111 -9.76 -9.15 -13.13
C ALA B 111 -9.35 -10.61 -13.01
N ILE B 112 -9.81 -11.41 -13.98
CA ILE B 112 -9.51 -12.87 -14.03
C ILE B 112 -8.00 -13.09 -14.08
N ASN B 113 -7.26 -12.22 -14.79
CA ASN B 113 -5.78 -12.37 -14.87
C ASN B 113 -5.13 -11.03 -15.25
N PRO B 114 -3.78 -10.91 -15.16
CA PRO B 114 -3.08 -9.66 -15.46
C PRO B 114 -3.23 -9.18 -16.91
N THR B 115 -2.53 -9.83 -17.84
CA THR B 115 -2.59 -9.43 -19.28
C THR B 115 -3.87 -9.97 -19.92
N ALA B 116 -4.99 -9.31 -19.61
CA ALA B 116 -6.37 -9.60 -20.07
C ALA B 116 -7.27 -8.52 -19.47
N LEU B 117 -8.41 -8.30 -20.11
CA LEU B 117 -9.44 -7.27 -19.74
C LEU B 117 -8.93 -5.83 -19.84
N THR B 118 -7.61 -5.61 -19.94
CA THR B 118 -7.05 -4.23 -20.02
C THR B 118 -7.72 -3.49 -21.19
N LYS B 119 -7.66 -4.08 -22.39
CA LYS B 119 -8.26 -3.43 -23.58
C LYS B 119 -9.75 -3.19 -23.35
N THR B 120 -10.42 -4.08 -22.61
CA THR B 120 -11.86 -3.91 -22.38
C THR B 120 -12.13 -2.85 -21.32
N ILE B 121 -11.34 -2.85 -20.25
CA ILE B 121 -11.42 -1.82 -19.23
C ILE B 121 -10.89 -0.49 -19.77
N ASN B 122 -9.80 -0.53 -20.53
CA ASN B 122 -9.25 0.70 -21.12
C ASN B 122 -10.28 1.45 -21.94
N LYS B 123 -11.17 0.73 -22.62
CA LYS B 123 -12.23 1.43 -23.35
C LYS B 123 -13.24 2.05 -22.37
N ALA B 124 -13.53 1.35 -21.26
CA ALA B 124 -14.44 1.90 -20.27
C ALA B 124 -13.93 3.22 -19.70
N VAL B 125 -12.60 3.38 -19.61
CA VAL B 125 -12.06 4.64 -19.12
C VAL B 125 -12.23 5.73 -20.18
N GLU B 126 -11.95 5.40 -21.44
CA GLU B 126 -12.09 6.36 -22.52
C GLU B 126 -13.51 6.89 -22.62
N GLU B 127 -14.50 6.02 -22.44
CA GLU B 127 -15.90 6.44 -22.41
C GLU B 127 -16.21 7.27 -21.18
N GLY B 128 -15.21 7.55 -20.34
CA GLY B 128 -15.38 8.39 -19.17
C GLY B 128 -15.92 7.71 -17.94
N ILE B 129 -15.85 6.39 -17.86
CA ILE B 129 -16.34 5.69 -16.67
C ILE B 129 -15.20 5.47 -15.68
N PRO B 130 -15.38 5.86 -14.42
CA PRO B 130 -14.40 5.49 -13.39
C PRO B 130 -14.32 3.97 -13.28
N VAL B 131 -13.10 3.46 -13.27
CA VAL B 131 -12.92 2.03 -13.06
C VAL B 131 -11.72 1.81 -12.14
N VAL B 132 -11.97 1.17 -11.01
CA VAL B 132 -10.91 0.70 -10.12
C VAL B 132 -10.91 -0.82 -10.17
N LEU B 133 -9.82 -1.40 -9.67
CA LEU B 133 -9.68 -2.84 -9.56
C LEU B 133 -9.60 -3.26 -8.10
N PHE B 134 -10.10 -4.45 -7.80
CA PHE B 134 -9.99 -5.02 -6.47
C PHE B 134 -9.70 -6.52 -6.58
N ASP B 135 -9.14 -7.06 -5.50
CA ASP B 135 -8.78 -8.47 -5.34
C ASP B 135 -7.69 -8.95 -6.29
N SER B 136 -7.95 -8.93 -7.61
CA SER B 136 -6.98 -9.41 -8.59
C SER B 136 -6.75 -8.32 -9.64
N ASN B 137 -5.48 -8.03 -9.93
CA ASN B 137 -5.06 -6.79 -10.57
C ASN B 137 -4.66 -7.00 -12.02
N ALA B 138 -5.09 -6.06 -12.87
CA ALA B 138 -4.59 -5.89 -14.24
C ALA B 138 -3.76 -4.60 -14.24
N SER B 139 -2.48 -4.73 -13.87
CA SER B 139 -1.68 -3.55 -13.55
C SER B 139 -1.36 -2.69 -14.78
N GLY B 140 -1.38 -3.27 -15.98
CA GLY B 140 -1.16 -2.48 -17.16
C GLY B 140 -2.39 -1.79 -17.72
N SER B 141 -3.52 -1.82 -17.00
CA SER B 141 -4.72 -1.20 -17.53
C SER B 141 -4.77 0.27 -17.15
N LYS B 142 -5.73 0.98 -17.75
CA LYS B 142 -6.01 2.38 -17.45
C LYS B 142 -6.91 2.55 -16.25
N ALA B 143 -7.05 1.51 -15.42
CA ALA B 143 -7.79 1.66 -14.19
C ALA B 143 -7.03 2.53 -13.21
N PHE B 144 -7.77 3.27 -12.40
CA PHE B 144 -7.18 4.31 -11.56
C PHE B 144 -6.59 3.77 -10.25
N SER B 145 -7.07 2.63 -9.75
CA SER B 145 -6.53 2.13 -8.49
C SER B 145 -6.72 0.62 -8.43
N PHE B 146 -5.88 -0.03 -7.64
CA PHE B 146 -6.04 -1.44 -7.28
C PHE B 146 -6.18 -1.53 -5.77
N LEU B 147 -7.24 -2.20 -5.32
CA LEU B 147 -7.46 -2.42 -3.90
C LEU B 147 -7.39 -3.93 -3.63
N GLY B 148 -6.30 -4.38 -3.02
CA GLY B 148 -6.14 -5.81 -2.83
C GLY B 148 -5.07 -6.12 -1.80
N THR B 149 -4.84 -7.43 -1.63
CA THR B 149 -3.92 -7.93 -0.62
C THR B 149 -2.47 -7.58 -0.96
N ASN B 150 -1.70 -7.21 0.06
CA ASN B 150 -0.24 -7.19 -0.04
C ASN B 150 0.23 -8.61 0.32
N ASN B 151 0.51 -9.42 -0.70
CA ASN B 151 0.75 -10.85 -0.47
C ASN B 151 2.06 -11.10 0.23
N TYR B 152 3.07 -10.27 -0.01
CA TYR B 152 4.31 -10.40 0.74
C TYR B 152 4.08 -10.18 2.23
N SER B 153 3.40 -9.10 2.61
CA SER B 153 3.20 -8.89 4.03
C SER B 153 2.25 -9.92 4.63
N ALA B 154 1.34 -10.48 3.82
CA ALA B 154 0.55 -11.61 4.28
C ALA B 154 1.47 -12.72 4.79
N GLY B 155 2.46 -13.08 3.97
CA GLY B 155 3.44 -14.06 4.39
C GLY B 155 4.24 -13.63 5.60
N VAL B 156 4.58 -12.33 5.70
CA VAL B 156 5.29 -11.85 6.88
C VAL B 156 4.42 -12.06 8.11
N THR B 157 3.14 -11.72 8.02
CA THR B 157 2.24 -11.94 9.14
C THR B 157 2.16 -13.42 9.52
N ALA B 158 2.05 -14.29 8.51
CA ALA B 158 2.07 -15.73 8.77
C ALA B 158 3.32 -16.13 9.55
N ALA B 159 4.46 -15.51 9.25
CA ALA B 159 5.70 -15.84 9.94
C ALA B 159 5.68 -15.38 11.40
N HIS B 160 5.23 -14.14 11.64
CA HIS B 160 5.05 -13.65 13.01
C HIS B 160 4.05 -14.51 13.76
N GLU B 161 2.93 -14.82 13.12
CA GLU B 161 1.92 -15.66 13.75
C GLU B 161 2.48 -17.04 14.04
N MET B 162 3.20 -17.63 13.07
CA MET B 162 3.79 -18.95 13.30
C MET B 162 4.78 -18.90 14.44
N ALA B 163 5.71 -17.93 14.39
CA ALA B 163 6.69 -17.76 15.45
C ALA B 163 6.02 -17.65 16.81
N LYS B 164 4.92 -16.91 16.87
CA LYS B 164 4.09 -16.80 18.06
C LYS B 164 3.79 -18.18 18.62
N LEU B 165 3.02 -18.97 17.87
CA LEU B 165 2.63 -20.28 18.35
C LEU B 165 3.82 -21.16 18.65
N LEU B 166 4.94 -20.95 17.97
CA LEU B 166 6.10 -21.81 18.12
C LEU B 166 7.17 -21.23 19.04
N LYS B 167 6.85 -20.13 19.77
CA LYS B 167 7.80 -19.40 20.60
C LYS B 167 9.13 -19.21 19.87
N SER B 168 9.03 -18.81 18.60
CA SER B 168 10.18 -18.39 17.81
C SER B 168 11.24 -19.49 17.70
N GLU B 169 10.84 -20.75 17.89
CA GLU B 169 11.78 -21.86 17.79
C GLU B 169 11.11 -23.02 17.09
N GLY B 170 11.75 -23.57 16.08
CA GLY B 170 11.34 -24.83 15.49
C GLY B 170 11.48 -24.84 13.98
N LYS B 171 11.36 -26.04 13.41
CA LYS B 171 11.38 -26.22 11.97
C LYS B 171 9.97 -26.07 11.41
N VAL B 172 9.86 -25.37 10.29
CA VAL B 172 8.59 -25.05 9.66
C VAL B 172 8.68 -25.33 8.17
N ALA B 173 7.51 -25.52 7.55
CA ALA B 173 7.46 -25.77 6.12
C ALA B 173 6.37 -24.91 5.51
N VAL B 174 6.42 -24.77 4.19
CA VAL B 174 5.45 -24.02 3.41
C VAL B 174 4.91 -24.94 2.34
N ILE B 175 3.59 -24.96 2.18
CA ILE B 175 2.96 -25.62 1.06
C ILE B 175 2.34 -24.54 0.19
N THR B 176 2.79 -24.46 -1.07
CA THR B 176 2.38 -23.35 -1.92
C THR B 176 2.32 -23.78 -3.38
N SER B 177 1.82 -22.87 -4.21
CA SER B 177 1.87 -22.98 -5.65
C SER B 177 3.03 -22.14 -6.16
N PRO B 178 4.07 -22.72 -6.76
CA PRO B 178 5.04 -21.90 -7.49
C PRO B 178 4.54 -21.38 -8.83
N HIS B 179 3.27 -21.66 -9.16
CA HIS B 179 2.68 -21.25 -10.43
C HIS B 179 2.23 -19.80 -10.42
N GLN B 180 1.65 -19.34 -9.31
CA GLN B 180 1.10 -17.99 -9.24
C GLN B 180 2.03 -17.07 -8.45
N LEU B 181 2.01 -15.78 -8.79
CA LEU B 181 2.93 -14.84 -8.16
C LEU B 181 2.48 -14.48 -6.75
N ASN B 182 1.18 -14.32 -6.54
CA ASN B 182 0.70 -13.99 -5.20
C ASN B 182 1.11 -15.07 -4.19
N HIS B 183 1.09 -16.33 -4.60
CA HIS B 183 1.59 -17.38 -3.72
C HIS B 183 3.10 -17.31 -3.57
N GLN B 184 3.81 -16.88 -4.61
CA GLN B 184 5.25 -16.69 -4.48
C GLN B 184 5.54 -15.59 -3.48
N GLU B 185 4.76 -14.51 -3.51
CA GLU B 185 4.98 -13.42 -2.57
C GLU B 185 4.61 -13.83 -1.15
N ARG B 186 3.54 -14.62 -0.99
CA ARG B 186 3.21 -15.12 0.34
C ARG B 186 4.32 -16.01 0.85
N THR B 187 4.80 -16.92 0.01
CA THR B 187 5.94 -17.77 0.37
C THR B 187 7.15 -16.92 0.74
N ARG B 188 7.54 -16.00 -0.15
CA ARG B 188 8.74 -15.19 0.06
C ARG B 188 8.62 -14.36 1.32
N GLY B 189 7.44 -13.78 1.56
CA GLY B 189 7.24 -13.04 2.81
C GLY B 189 7.44 -13.91 4.04
N PHE B 190 6.91 -15.13 4.00
CA PHE B 190 7.08 -16.04 5.11
C PHE B 190 8.54 -16.46 5.29
N VAL B 191 9.18 -16.94 4.22
CA VAL B 191 10.50 -17.51 4.40
C VAL B 191 11.51 -16.42 4.80
N GLU B 192 11.45 -15.25 4.15
CA GLU B 192 12.40 -14.20 4.47
C GLU B 192 12.22 -13.70 5.90
N THR B 193 10.98 -13.62 6.38
CA THR B 193 10.79 -13.19 7.76
C THR B 193 11.33 -14.23 8.75
N ILE B 194 11.21 -15.52 8.43
CA ILE B 194 11.81 -16.55 9.28
C ILE B 194 13.33 -16.42 9.27
N TYR B 195 13.92 -16.17 8.10
CA TYR B 195 15.35 -15.95 8.04
C TYR B 195 15.74 -14.74 8.88
N GLN B 196 15.24 -13.56 8.52
CA GLN B 196 15.71 -12.31 9.09
C GLN B 196 15.39 -12.22 10.58
N LYS B 197 14.19 -12.63 10.99
CA LYS B 197 13.69 -12.26 12.31
C LYS B 197 13.69 -13.40 13.32
N TYR B 198 13.91 -14.64 12.90
CA TYR B 198 13.86 -15.77 13.83
C TYR B 198 14.97 -16.78 13.52
N PRO B 199 16.14 -16.61 14.14
CA PRO B 199 17.25 -17.55 13.89
C PRO B 199 17.07 -18.90 14.55
N ARG B 200 16.21 -19.01 15.57
CA ARG B 200 15.88 -20.30 16.19
C ARG B 200 14.85 -21.09 15.39
N MET B 201 14.40 -20.58 14.25
CA MET B 201 13.49 -21.28 13.37
C MET B 201 14.14 -21.51 12.02
N GLN B 202 13.64 -22.50 11.29
CA GLN B 202 14.19 -22.74 9.97
C GLN B 202 13.15 -23.35 9.05
N VAL B 203 13.08 -22.83 7.83
CA VAL B 203 12.20 -23.36 6.80
C VAL B 203 12.89 -24.59 6.20
N VAL B 204 12.34 -25.78 6.48
CA VAL B 204 12.93 -27.03 6.03
C VAL B 204 12.38 -27.52 4.70
N ALA B 205 11.30 -26.92 4.21
CA ALA B 205 10.72 -27.39 2.96
C ALA B 205 9.72 -26.34 2.48
N VAL B 206 9.74 -26.08 1.18
CA VAL B 206 8.65 -25.40 0.47
C VAL B 206 8.12 -26.39 -0.56
N LYS B 207 6.94 -26.93 -0.30
CA LYS B 207 6.38 -27.94 -1.18
C LYS B 207 5.50 -27.32 -2.24
N ASN B 208 5.33 -28.05 -3.33
CA ASN B 208 4.31 -27.74 -4.31
C ASN B 208 3.06 -28.54 -3.93
N GLY B 209 2.03 -27.83 -3.50
CA GLY B 209 0.74 -28.43 -3.21
C GLY B 209 -0.21 -28.43 -4.38
N LYS B 210 0.26 -28.03 -5.56
CA LYS B 210 -0.47 -28.13 -6.83
C LYS B 210 -1.92 -27.62 -6.73
N GLY B 211 -2.23 -26.84 -5.70
CA GLY B 211 -3.48 -26.11 -5.66
C GLY B 211 -4.74 -26.91 -5.41
N ASP B 212 -4.63 -28.12 -4.87
CA ASP B 212 -5.78 -28.93 -4.52
C ASP B 212 -5.50 -29.67 -3.22
N ALA B 213 -6.57 -30.04 -2.51
CA ALA B 213 -6.40 -30.67 -1.21
C ALA B 213 -5.78 -32.06 -1.34
N LEU B 214 -6.04 -32.75 -2.45
CA LEU B 214 -5.38 -34.03 -2.72
C LEU B 214 -3.87 -33.90 -2.63
N ALA B 215 -3.29 -33.06 -3.50
CA ALA B 215 -1.84 -32.96 -3.59
C ALA B 215 -1.23 -32.28 -2.38
N SER B 216 -1.98 -31.40 -1.71
CA SER B 216 -1.44 -30.74 -0.52
C SER B 216 -1.34 -31.70 0.66
N LYS B 217 -2.33 -32.59 0.82
CA LYS B 217 -2.22 -33.63 1.84
C LYS B 217 -0.96 -34.44 1.67
N GLN B 218 -0.63 -34.74 0.43
CA GLN B 218 0.52 -35.59 0.15
C GLN B 218 1.83 -34.82 0.32
N ALA B 219 1.87 -33.54 -0.07
CA ALA B 219 3.03 -32.72 0.24
C ALA B 219 3.21 -32.61 1.75
N ALA B 220 2.11 -32.46 2.48
CA ALA B 220 2.18 -32.38 3.93
C ALA B 220 2.67 -33.69 4.54
N MET B 221 2.17 -34.83 4.03
CA MET B 221 2.66 -36.13 4.49
C MET B 221 4.16 -36.27 4.23
N GLU B 222 4.61 -35.85 3.05
CA GLU B 222 6.05 -35.87 2.75
C GLU B 222 6.83 -35.07 3.78
N VAL B 223 6.36 -33.86 4.10
CA VAL B 223 7.06 -33.01 5.06
C VAL B 223 7.08 -33.69 6.42
N LEU B 224 5.95 -34.24 6.87
CA LEU B 224 5.90 -34.83 8.19
C LEU B 224 6.72 -36.11 8.25
N ASN B 225 6.82 -36.83 7.13
CA ASN B 225 7.68 -38.00 7.05
C ASN B 225 9.15 -37.60 6.94
N ASP B 226 9.47 -36.71 5.98
CA ASP B 226 10.87 -36.31 5.76
C ASP B 226 11.44 -35.51 6.91
N TYR B 227 10.59 -34.90 7.75
CA TYR B 227 11.06 -34.08 8.88
C TYR B 227 10.11 -34.30 10.05
N PRO B 228 10.34 -35.36 10.83
CA PRO B 228 9.37 -35.73 11.87
C PRO B 228 9.27 -34.72 13.00
N ASP B 229 10.22 -33.80 13.14
CA ASP B 229 10.17 -32.80 14.20
C ASP B 229 9.68 -31.44 13.71
N VAL B 230 9.17 -31.36 12.47
CA VAL B 230 8.55 -30.11 12.00
C VAL B 230 7.42 -29.74 12.96
N GLN B 231 7.37 -28.46 13.32
CA GLN B 231 6.41 -27.97 14.30
C GLN B 231 5.37 -27.02 13.72
N GLY B 232 5.52 -26.58 12.48
CA GLY B 232 4.54 -25.69 11.89
C GLY B 232 4.55 -25.79 10.38
N ILE B 233 3.38 -25.63 9.78
CA ILE B 233 3.26 -25.59 8.34
C ILE B 233 2.36 -24.43 7.97
N PHE B 234 2.77 -23.69 6.94
CA PHE B 234 2.02 -22.56 6.42
C PHE B 234 1.59 -22.94 5.02
N ALA B 235 0.29 -22.85 4.74
CA ALA B 235 -0.21 -23.09 3.39
C ALA B 235 -0.67 -21.77 2.81
N THR B 236 -0.19 -21.45 1.60
CA THR B 236 -0.50 -20.17 0.97
C THR B 236 -1.76 -20.23 0.13
N GLU B 237 -2.30 -21.42 -0.08
CA GLU B 237 -3.46 -21.62 -0.91
C GLU B 237 -4.55 -22.26 -0.05
N ALA B 238 -5.81 -21.89 -0.31
CA ALA B 238 -6.92 -22.32 0.54
C ALA B 238 -7.01 -23.84 0.64
N ASN B 239 -6.81 -24.56 -0.47
CA ASN B 239 -6.84 -26.01 -0.41
C ASN B 239 -5.64 -26.58 0.33
N GLY B 240 -4.55 -25.82 0.44
CA GLY B 240 -3.43 -26.30 1.23
C GLY B 240 -3.80 -26.61 2.66
N GLY B 241 -4.66 -25.77 3.25
CA GLY B 241 -5.00 -25.95 4.66
C GLY B 241 -5.72 -27.25 4.95
N VAL B 242 -6.70 -27.60 4.11
CA VAL B 242 -7.37 -28.89 4.27
C VAL B 242 -6.36 -30.04 4.17
N GLY B 243 -5.54 -30.03 3.12
CA GLY B 243 -4.60 -31.11 2.90
C GLY B 243 -3.65 -31.33 4.07
N MET B 244 -3.15 -30.25 4.68
CA MET B 244 -2.24 -30.49 5.78
C MET B 244 -2.97 -30.79 7.08
N ALA B 245 -4.14 -30.19 7.31
CA ALA B 245 -4.97 -30.62 8.43
C ALA B 245 -5.20 -32.13 8.36
N GLU B 246 -5.45 -32.63 7.16
CA GLU B 246 -5.69 -34.08 6.95
C GLU B 246 -4.43 -34.89 7.24
N ALA B 247 -3.26 -34.46 6.73
CA ALA B 247 -2.05 -35.24 6.97
C ALA B 247 -1.74 -35.32 8.46
N VAL B 248 -1.92 -34.21 9.18
CA VAL B 248 -1.59 -34.16 10.61
C VAL B 248 -2.52 -35.09 11.39
N ALA B 249 -3.82 -35.02 11.12
CA ALA B 249 -4.76 -35.94 11.74
C ALA B 249 -4.39 -37.38 11.45
N GLU B 250 -4.04 -37.66 10.19
CA GLU B 250 -3.71 -39.01 9.75
C GLU B 250 -2.56 -39.62 10.55
N LEU B 251 -1.60 -38.79 10.93
CA LEU B 251 -0.44 -39.24 11.67
C LEU B 251 -0.60 -39.07 13.18
N ASN B 252 -1.74 -38.55 13.62
CA ASN B 252 -1.95 -38.22 15.03
C ASN B 252 -0.81 -37.36 15.54
N LYS B 253 -0.33 -36.47 14.67
CA LYS B 253 0.72 -35.52 15.03
C LYS B 253 0.13 -34.44 15.92
N LYS B 254 0.78 -34.21 17.06
CA LYS B 254 0.15 -33.44 18.13
C LYS B 254 0.47 -31.94 17.98
N TYR B 255 1.73 -31.59 18.20
CA TYR B 255 2.15 -30.21 18.40
C TYR B 255 2.35 -29.42 17.10
N VAL B 256 1.79 -29.85 15.97
CA VAL B 256 2.03 -29.18 14.70
C VAL B 256 1.05 -28.03 14.54
N LYS B 257 1.60 -26.81 14.49
CA LYS B 257 0.80 -25.60 14.35
C LYS B 257 0.59 -25.31 12.87
N LEU B 258 -0.66 -25.25 12.44
CA LEU B 258 -1.01 -25.07 11.04
C LEU B 258 -1.60 -23.69 10.82
N ILE B 259 -1.10 -22.99 9.80
CA ILE B 259 -1.63 -21.70 9.37
C ILE B 259 -2.02 -21.82 7.90
N SER B 260 -3.28 -21.54 7.59
CA SER B 260 -3.76 -21.65 6.23
C SER B 260 -4.13 -20.28 5.69
N PHE B 261 -4.74 -20.27 4.52
CA PHE B 261 -5.10 -19.05 3.83
C PHE B 261 -6.56 -19.08 3.42
N ASP B 262 -7.17 -17.89 3.44
CA ASP B 262 -8.53 -17.59 2.98
C ASP B 262 -9.59 -18.16 3.92
N THR B 263 -10.87 -18.08 3.54
CA THR B 263 -11.94 -18.32 4.49
C THR B 263 -13.03 -19.20 3.89
N GLU B 264 -12.63 -20.19 3.09
CA GLU B 264 -13.56 -21.22 2.66
C GLU B 264 -14.18 -21.89 3.88
N LYS B 265 -15.43 -22.36 3.70
CA LYS B 265 -16.14 -22.98 4.81
CA LYS B 265 -16.15 -22.98 4.81
C LYS B 265 -15.33 -24.12 5.42
N GLN B 266 -14.81 -25.01 4.56
CA GLN B 266 -13.97 -26.12 5.00
C GLN B 266 -12.86 -25.65 5.94
N THR B 267 -12.15 -24.60 5.53
CA THR B 267 -11.06 -24.06 6.32
C THR B 267 -11.57 -23.49 7.64
N LEU B 268 -12.61 -22.64 7.58
CA LEU B 268 -13.10 -22.00 8.79
C LEU B 268 -13.57 -23.05 9.81
N ASP B 269 -14.27 -24.07 9.33
CA ASP B 269 -14.68 -25.16 10.20
C ASP B 269 -13.48 -25.78 10.89
N LEU B 270 -12.44 -26.12 10.11
CA LEU B 270 -11.21 -26.66 10.69
C LEU B 270 -10.61 -25.71 11.72
N VAL B 271 -10.66 -24.41 11.46
CA VAL B 271 -10.20 -23.46 12.46
C VAL B 271 -11.06 -23.53 13.71
N LYS B 272 -12.39 -23.56 13.53
CA LYS B 272 -13.28 -23.70 14.67
C LYS B 272 -13.11 -25.05 15.35
N GLU B 273 -12.90 -26.12 14.57
CA GLU B 273 -12.72 -27.44 15.16
C GLU B 273 -11.35 -27.65 15.78
N GLY B 274 -10.36 -26.84 15.42
CA GLY B 274 -9.07 -26.85 16.07
C GLY B 274 -7.97 -27.49 15.25
N ALA B 275 -8.30 -28.08 14.10
CA ALA B 275 -7.28 -28.70 13.26
C ALA B 275 -6.30 -27.67 12.71
N ILE B 276 -6.75 -26.43 12.52
CA ILE B 276 -5.96 -25.34 11.95
C ILE B 276 -5.84 -24.25 13.02
N ALA B 277 -4.61 -23.82 13.31
CA ALA B 277 -4.44 -22.82 14.36
C ALA B 277 -4.95 -21.45 13.94
N ALA B 278 -4.66 -21.04 12.70
CA ALA B 278 -5.15 -19.76 12.21
C ALA B 278 -5.29 -19.83 10.69
N THR B 279 -6.19 -19.02 10.13
CA THR B 279 -6.16 -18.82 8.69
C THR B 279 -6.09 -17.31 8.43
N LEU B 280 -5.46 -16.93 7.33
CA LEU B 280 -5.30 -15.53 7.01
C LEU B 280 -6.39 -15.12 6.04
N ALA B 281 -7.20 -14.14 6.44
CA ALA B 281 -8.35 -13.68 5.67
C ALA B 281 -8.00 -12.39 4.93
N GLN B 282 -8.23 -12.39 3.62
CA GLN B 282 -8.11 -11.17 2.84
C GLN B 282 -9.24 -10.19 3.14
N GLY B 283 -8.98 -8.91 2.86
CA GLY B 283 -9.86 -7.86 3.31
C GLY B 283 -10.91 -7.57 2.26
N THR B 284 -11.77 -8.55 2.01
CA THR B 284 -12.74 -8.46 0.92
C THR B 284 -13.81 -7.40 1.19
N TRP B 285 -14.23 -7.23 2.43
CA TRP B 285 -15.17 -6.16 2.72
C TRP B 285 -14.54 -4.80 2.46
N ASN B 286 -13.28 -4.62 2.89
CA ASN B 286 -12.56 -3.39 2.59
C ASN B 286 -12.45 -3.15 1.10
N MET B 287 -12.20 -4.21 0.34
CA MET B 287 -12.12 -4.08 -1.11
C MET B 287 -13.38 -3.46 -1.68
N GLY B 288 -14.56 -3.93 -1.24
CA GLY B 288 -15.80 -3.42 -1.81
C GLY B 288 -16.12 -2.03 -1.29
N TYR B 289 -15.99 -1.83 0.02
CA TYR B 289 -16.35 -0.55 0.59
C TYR B 289 -15.48 0.57 0.01
N TRP B 290 -14.16 0.37 -0.01
CA TRP B 290 -13.30 1.45 -0.47
C TRP B 290 -13.23 1.54 -1.99
N SER B 291 -13.46 0.43 -2.71
CA SER B 291 -13.67 0.52 -4.15
C SER B 291 -14.76 1.53 -4.50
N LEU B 292 -15.89 1.47 -3.77
CA LEU B 292 -17.01 2.34 -4.10
C LEU B 292 -16.73 3.78 -3.65
N GLN B 293 -16.07 3.95 -2.50
CA GLN B 293 -15.63 5.29 -2.13
C GLN B 293 -14.80 5.90 -3.25
N PHE B 294 -13.90 5.10 -3.83
CA PHE B 294 -13.02 5.59 -4.88
C PHE B 294 -13.80 5.91 -6.17
N LEU B 295 -14.72 5.04 -6.56
CA LEU B 295 -15.53 5.33 -7.73
C LEU B 295 -16.41 6.55 -7.50
N PHE B 296 -16.92 6.71 -6.28
CA PHE B 296 -17.72 7.88 -5.97
C PHE B 296 -16.88 9.15 -6.09
N HIS B 297 -15.66 9.12 -5.55
CA HIS B 297 -14.81 10.31 -5.65
C HIS B 297 -14.44 10.57 -7.09
N LEU B 298 -14.21 9.51 -7.86
CA LEU B 298 -13.86 9.66 -9.26
C LEU B 298 -15.03 10.21 -10.06
N HIS B 299 -16.23 9.67 -9.84
CA HIS B 299 -17.38 10.09 -10.62
C HIS B 299 -17.71 11.55 -10.36
N HIS B 300 -17.64 11.98 -9.12
CA HIS B 300 -17.92 13.36 -8.73
C HIS B 300 -16.70 14.26 -8.77
N HIS B 301 -15.59 13.78 -9.35
CA HIS B 301 -14.38 14.57 -9.56
C HIS B 301 -13.99 15.35 -8.31
N LEU B 302 -13.90 14.61 -7.20
CA LEU B 302 -13.58 15.18 -5.89
C LEU B 302 -12.10 15.21 -5.60
N THR B 303 -11.26 14.70 -6.48
CA THR B 303 -9.82 14.89 -6.33
C THR B 303 -9.45 16.12 -7.15
N SER B 304 -9.57 17.27 -6.47
CA SER B 304 -9.37 18.62 -6.99
C SER B 304 -8.18 18.69 -7.97
N PRO B 305 -8.27 19.49 -9.02
CA PRO B 305 -7.06 19.83 -9.79
C PRO B 305 -6.42 21.15 -9.40
N SER B 306 -7.00 21.89 -8.44
CA SER B 306 -6.50 23.19 -8.03
C SER B 306 -6.02 23.12 -6.58
N ARG B 307 -4.74 23.49 -6.36
CA ARG B 307 -4.05 23.46 -5.07
C ARG B 307 -3.90 22.02 -4.52
N SER B 308 -4.01 21.03 -5.41
CA SER B 308 -3.96 19.61 -5.07
C SER B 308 -2.62 18.98 -5.39
N GLY B 309 -1.65 19.74 -5.88
CA GLY B 309 -0.43 19.14 -6.39
C GLY B 309 -0.72 18.15 -7.50
N ASP B 310 -1.81 18.42 -8.24
CA ASP B 310 -2.21 17.63 -9.41
C ASP B 310 -2.26 16.14 -9.10
N ALA B 311 -2.77 15.80 -7.92
CA ALA B 311 -2.83 14.40 -7.56
C ALA B 311 -3.93 13.67 -8.35
N LEU B 312 -3.76 12.35 -8.45
CA LEU B 312 -4.75 11.37 -8.90
C LEU B 312 -5.22 10.57 -7.70
N LEU B 313 -6.22 9.71 -7.91
CA LEU B 313 -6.63 8.71 -6.93
C LEU B 313 -5.42 7.92 -6.41
N PRO B 314 -5.41 7.51 -5.14
CA PRO B 314 -4.40 6.54 -4.69
C PRO B 314 -4.41 5.31 -5.58
N ALA B 315 -3.23 4.95 -6.07
CA ALA B 315 -3.14 3.85 -7.04
C ALA B 315 -3.12 2.48 -6.37
N TYR B 316 -2.89 2.40 -5.07
CA TYR B 316 -2.94 1.10 -4.40
C TYR B 316 -3.49 1.26 -3.00
N VAL B 317 -4.36 0.33 -2.62
CA VAL B 317 -4.88 0.25 -1.28
C VAL B 317 -4.66 -1.18 -0.82
N ASP B 318 -3.86 -1.34 0.23
CA ASP B 318 -3.66 -2.63 0.87
C ASP B 318 -4.86 -2.90 1.75
N THR B 319 -5.73 -3.78 1.29
CA THR B 319 -6.97 -4.01 2.01
C THR B 319 -6.78 -4.91 3.22
N GLY B 320 -5.58 -5.39 3.47
CA GLY B 320 -5.27 -5.91 4.78
C GLY B 320 -5.45 -7.41 4.88
N ILE B 321 -4.89 -7.96 5.95
CA ILE B 321 -4.97 -9.38 6.28
C ILE B 321 -5.43 -9.49 7.72
N THR B 322 -6.32 -10.44 7.99
CA THR B 322 -6.79 -10.69 9.34
C THR B 322 -6.40 -12.11 9.74
N VAL B 323 -5.83 -12.24 10.93
CA VAL B 323 -5.52 -13.56 11.47
C VAL B 323 -6.80 -14.13 12.08
N VAL B 324 -7.33 -15.16 11.43
CA VAL B 324 -8.57 -15.78 11.85
C VAL B 324 -8.20 -16.93 12.77
N THR B 325 -8.49 -16.79 14.06
CA THR B 325 -8.45 -17.89 15.02
C THR B 325 -9.89 -18.20 15.44
N ARG B 326 -10.07 -19.09 16.43
CA ARG B 326 -11.46 -19.34 16.81
C ARG B 326 -12.07 -18.18 17.57
N ASP B 327 -11.25 -17.29 18.14
CA ASP B 327 -11.74 -16.06 18.77
C ASP B 327 -12.51 -15.17 17.80
N ASN B 328 -12.36 -15.35 16.49
CA ASN B 328 -13.11 -14.51 15.55
C ASN B 328 -13.53 -15.28 14.31
N VAL B 329 -13.38 -16.60 14.27
CA VAL B 329 -13.73 -17.35 13.06
C VAL B 329 -15.18 -17.14 12.71
N ASP B 330 -16.03 -16.91 13.73
CA ASP B 330 -17.45 -16.73 13.50
C ASP B 330 -17.72 -15.58 12.54
N HIS B 331 -16.97 -14.48 12.69
CA HIS B 331 -17.18 -13.30 11.87
C HIS B 331 -16.94 -13.53 10.38
N PHE B 332 -16.46 -14.70 9.98
CA PHE B 332 -15.98 -14.89 8.61
C PHE B 332 -16.82 -15.87 7.81
N TYR B 333 -17.84 -16.48 8.41
CA TYR B 333 -18.76 -17.32 7.67
C TYR B 333 -19.74 -16.46 6.86
N ALA B 334 -20.38 -17.10 5.88
CA ALA B 334 -21.38 -16.44 5.04
C ALA B 334 -22.61 -16.02 5.83
#